data_1JFR
#
_entry.id   1JFR
#
_cell.length_a   77.500
_cell.length_b   53.000
_cell.length_c   81.100
_cell.angle_alpha   90.00
_cell.angle_beta   95.80
_cell.angle_gamma   90.00
#
_symmetry.space_group_name_H-M   'P 1 21 1'
#
loop_
_entity.id
_entity.type
_entity.pdbx_description
1 polymer LIPASE
2 water water
#
_entity_poly.entity_id   1
_entity_poly.type   'polypeptide(L)'
_entity_poly.pdbx_seq_one_letter_code
;AANPYERGPAPTNASIEASRGPYATSQTSVSSLVASGFGGGTIYYPTSTADGTFGAVVISPGFTAYQSSIAWLGPRLASQ
GFVVFTIDTNTTLDQPDSRGRQLLSALDYLTQRSSVRTRVDATRLGVMGHSMGGGGSLEAAKSRTSLKAAIPLTGWNTDK
TWPELRTPTLVVGADGDTVAPVATHSKPFYESLPGSLDKAYLELRGASHFTPNTSDTTIAKYSISWLKRFIDSDTRYEQF
LCPIPRPSLTIAEYRGTCPHTS
;
_entity_poly.pdbx_strand_id   A,B
#
# COMPACT_ATOMS: atom_id res chain seq x y z
N ASN A 3 -8.00 2.81 -17.93
CA ASN A 3 -9.16 2.07 -17.29
C ASN A 3 -10.48 2.66 -17.73
N PRO A 4 -11.25 1.92 -18.50
CA PRO A 4 -12.53 2.39 -19.02
C PRO A 4 -13.60 2.59 -17.96
N TYR A 5 -13.41 2.04 -16.76
CA TYR A 5 -14.40 2.12 -15.70
C TYR A 5 -14.18 3.29 -14.75
N GLU A 6 -13.10 4.07 -14.93
CA GLU A 6 -12.90 5.23 -14.08
C GLU A 6 -14.00 6.26 -14.26
N ARG A 7 -14.55 6.73 -13.16
CA ARG A 7 -15.60 7.74 -13.22
C ARG A 7 -15.24 8.89 -12.27
N GLY A 8 -15.51 10.11 -12.72
CA GLY A 8 -15.34 11.26 -11.84
C GLY A 8 -13.88 11.71 -11.77
N PRO A 9 -13.65 12.87 -11.16
CA PRO A 9 -12.34 13.46 -11.08
C PRO A 9 -11.41 12.77 -10.10
N ALA A 10 -10.11 13.08 -10.19
CA ALA A 10 -9.17 12.50 -9.24
C ALA A 10 -9.66 12.80 -7.82
N PRO A 11 -9.63 11.81 -6.95
CA PRO A 11 -10.14 11.94 -5.61
C PRO A 11 -9.17 12.58 -4.63
N THR A 12 -9.72 13.16 -3.58
CA THR A 12 -8.95 13.68 -2.46
C THR A 12 -9.62 13.18 -1.18
N ASN A 13 -8.99 13.36 -0.02
CA ASN A 13 -9.66 12.97 1.21
C ASN A 13 -10.97 13.73 1.38
N ALA A 14 -11.05 14.99 0.95
CA ALA A 14 -12.28 15.75 1.03
C ALA A 14 -13.39 15.21 0.14
N SER A 15 -13.07 14.76 -1.06
CA SER A 15 -14.10 14.25 -1.98
C SER A 15 -14.71 12.92 -1.48
N ILE A 16 -13.99 12.09 -0.75
CA ILE A 16 -14.55 10.85 -0.26
C ILE A 16 -15.28 11.03 1.07
N GLU A 17 -15.05 12.18 1.72
CA GLU A 17 -15.74 12.49 2.95
C GLU A 17 -17.00 13.30 2.68
N ALA A 18 -17.12 13.88 1.50
CA ALA A 18 -18.27 14.72 1.16
C ALA A 18 -19.59 13.97 1.25
N SER A 19 -20.68 14.64 1.62
CA SER A 19 -21.96 13.95 1.71
C SER A 19 -22.56 13.68 0.33
N ARG A 20 -22.14 14.50 -0.64
CA ARG A 20 -22.68 14.38 -1.99
C ARG A 20 -21.49 14.40 -2.94
N GLY A 21 -21.29 13.33 -3.69
CA GLY A 21 -20.19 13.26 -4.64
C GLY A 21 -20.48 14.09 -5.89
N PRO A 22 -19.67 13.91 -6.92
CA PRO A 22 -19.76 14.68 -8.13
C PRO A 22 -20.99 14.43 -9.00
N TYR A 23 -21.57 13.22 -8.96
CA TYR A 23 -22.72 12.93 -9.83
C TYR A 23 -24.04 13.38 -9.24
N ALA A 24 -24.84 14.19 -9.96
CA ALA A 24 -26.22 14.42 -9.57
C ALA A 24 -26.96 13.07 -9.64
N THR A 25 -27.92 12.81 -8.77
CA THR A 25 -28.57 11.51 -8.74
C THR A 25 -30.09 11.62 -8.87
N SER A 26 -30.67 10.50 -9.25
CA SER A 26 -32.12 10.35 -9.37
C SER A 26 -32.51 9.10 -8.58
N GLN A 27 -33.81 8.87 -8.43
CA GLN A 27 -34.23 7.62 -7.77
C GLN A 27 -35.56 7.11 -8.33
N THR A 28 -35.75 5.80 -8.23
CA THR A 28 -36.98 5.16 -8.63
C THR A 28 -37.33 4.12 -7.54
N SER A 29 -38.62 3.83 -7.38
CA SER A 29 -39.05 2.79 -6.47
C SER A 29 -39.39 1.51 -7.19
N VAL A 30 -39.17 0.38 -6.53
CA VAL A 30 -39.54 -0.92 -7.07
C VAL A 30 -40.52 -1.53 -6.08
N SER A 31 -41.80 -1.68 -6.51
CA SER A 31 -42.76 -2.18 -5.52
C SER A 31 -42.53 -3.65 -5.23
N SER A 32 -42.98 -4.11 -4.06
CA SER A 32 -42.88 -5.51 -3.70
C SER A 32 -43.76 -6.40 -4.59
N LEU A 33 -44.76 -5.86 -5.27
CA LEU A 33 -45.58 -6.63 -6.18
C LEU A 33 -44.78 -7.07 -7.40
N VAL A 34 -43.94 -6.19 -7.90
CA VAL A 34 -43.14 -6.42 -9.10
C VAL A 34 -41.85 -7.18 -8.84
N ALA A 35 -41.28 -7.03 -7.66
CA ALA A 35 -40.01 -7.64 -7.29
C ALA A 35 -40.09 -9.15 -7.17
N SER A 36 -39.26 -9.89 -7.90
CA SER A 36 -39.30 -11.34 -7.77
C SER A 36 -38.23 -11.83 -6.81
N GLY A 37 -38.63 -12.43 -5.69
CA GLY A 37 -37.70 -13.02 -4.76
C GLY A 37 -37.19 -12.08 -3.69
N PHE A 38 -37.72 -10.87 -3.57
CA PHE A 38 -37.29 -9.97 -2.50
C PHE A 38 -38.43 -8.98 -2.25
N GLY A 39 -38.32 -8.11 -1.27
CA GLY A 39 -39.46 -7.27 -0.88
C GLY A 39 -39.56 -5.92 -1.55
N GLY A 40 -38.93 -5.69 -2.68
CA GLY A 40 -38.98 -4.38 -3.35
C GLY A 40 -37.83 -3.49 -2.84
N GLY A 41 -37.79 -2.23 -3.27
CA GLY A 41 -36.70 -1.34 -2.80
C GLY A 41 -36.64 -0.06 -3.59
N THR A 42 -35.54 0.69 -3.40
CA THR A 42 -35.36 1.97 -4.06
C THR A 42 -34.04 1.98 -4.80
N ILE A 43 -34.04 2.43 -6.03
CA ILE A 43 -32.81 2.46 -6.80
C ILE A 43 -32.32 3.90 -6.88
N TYR A 44 -31.08 4.16 -6.50
CA TYR A 44 -30.47 5.48 -6.62
C TYR A 44 -29.42 5.43 -7.72
N TYR A 45 -29.42 6.39 -8.66
CA TYR A 45 -28.48 6.27 -9.78
C TYR A 45 -28.07 7.64 -10.28
N PRO A 46 -26.89 7.77 -10.85
CA PRO A 46 -26.45 9.01 -11.47
C PRO A 46 -27.41 9.39 -12.58
N THR A 47 -27.80 10.66 -12.65
CA THR A 47 -28.68 11.07 -13.75
C THR A 47 -28.02 10.99 -15.10
N SER A 48 -26.75 11.39 -15.16
CA SER A 48 -26.03 11.48 -16.41
C SER A 48 -25.72 10.10 -17.00
N THR A 49 -25.95 9.96 -18.30
CA THR A 49 -25.53 8.75 -19.02
C THR A 49 -24.32 9.07 -19.89
N ALA A 50 -23.78 10.30 -19.80
CA ALA A 50 -22.74 10.66 -20.77
C ALA A 50 -21.38 10.02 -20.50
N ASP A 51 -21.13 9.56 -19.28
CA ASP A 51 -19.85 8.94 -18.95
C ASP A 51 -19.87 7.42 -19.11
N GLY A 52 -20.98 6.82 -19.48
CA GLY A 52 -21.04 5.37 -19.67
C GLY A 52 -21.81 4.70 -18.51
N THR A 53 -21.77 3.38 -18.46
CA THR A 53 -22.51 2.64 -17.47
C THR A 53 -21.70 2.61 -16.16
N PHE A 54 -22.34 2.17 -15.10
CA PHE A 54 -21.79 2.12 -13.76
C PHE A 54 -21.92 0.73 -13.15
N GLY A 55 -21.06 0.44 -12.19
CA GLY A 55 -21.23 -0.80 -11.40
C GLY A 55 -22.43 -0.59 -10.46
N ALA A 56 -22.89 -1.66 -9.82
CA ALA A 56 -24.09 -1.63 -9.01
C ALA A 56 -23.87 -2.33 -7.70
N VAL A 57 -24.50 -1.82 -6.64
CA VAL A 57 -24.38 -2.39 -5.31
C VAL A 57 -25.79 -2.61 -4.74
N VAL A 58 -26.08 -3.74 -4.13
CA VAL A 58 -27.39 -3.91 -3.47
C VAL A 58 -27.11 -3.94 -1.98
N ILE A 59 -28.03 -3.37 -1.21
CA ILE A 59 -27.84 -3.25 0.24
C ILE A 59 -29.04 -3.81 1.00
N SER A 60 -28.79 -4.64 1.97
CA SER A 60 -29.85 -5.26 2.76
C SER A 60 -29.82 -4.76 4.20
N PRO A 61 -30.99 -4.48 4.77
CA PRO A 61 -31.13 -4.14 6.17
C PRO A 61 -31.01 -5.36 7.06
N GLY A 62 -31.09 -5.21 8.38
CA GLY A 62 -30.99 -6.32 9.30
C GLY A 62 -32.34 -6.79 9.86
N PHE A 63 -32.26 -7.68 10.84
CA PHE A 63 -33.41 -8.32 11.47
C PHE A 63 -34.37 -7.28 12.01
N THR A 64 -35.64 -7.39 11.69
CA THR A 64 -36.75 -6.53 12.04
C THR A 64 -36.61 -5.12 11.46
N ALA A 65 -35.74 -4.91 10.46
CA ALA A 65 -35.51 -3.58 9.92
C ALA A 65 -35.99 -3.48 8.48
N TYR A 66 -36.20 -2.24 8.04
CA TYR A 66 -36.65 -1.88 6.71
C TYR A 66 -35.63 -1.03 5.97
N GLN A 67 -35.95 -0.55 4.77
CA GLN A 67 -35.07 0.32 4.02
C GLN A 67 -34.68 1.58 4.75
N SER A 68 -35.55 2.11 5.61
CA SER A 68 -35.26 3.37 6.29
C SER A 68 -33.96 3.28 7.11
N SER A 69 -33.57 2.10 7.58
CA SER A 69 -32.34 1.91 8.31
C SER A 69 -31.08 2.02 7.45
N ILE A 70 -31.16 1.93 6.14
CA ILE A 70 -29.96 1.96 5.32
C ILE A 70 -30.11 2.99 4.22
N ALA A 71 -31.18 3.79 4.27
CA ALA A 71 -31.46 4.70 3.15
C ALA A 71 -30.36 5.74 2.95
N TRP A 72 -29.70 6.22 4.02
CA TRP A 72 -28.69 7.27 3.86
C TRP A 72 -27.55 6.87 2.93
N LEU A 73 -27.23 5.59 2.82
CA LEU A 73 -26.23 5.10 1.87
C LEU A 73 -26.63 5.25 0.42
N GLY A 74 -27.92 5.36 0.08
CA GLY A 74 -28.36 5.44 -1.29
C GLY A 74 -27.75 6.60 -2.05
N PRO A 75 -28.12 7.81 -1.67
CA PRO A 75 -27.63 9.01 -2.34
C PRO A 75 -26.13 9.21 -2.17
N ARG A 76 -25.66 8.88 -0.97
CA ARG A 76 -24.27 9.09 -0.60
C ARG A 76 -23.32 8.29 -1.48
N LEU A 77 -23.61 7.02 -1.74
CA LEU A 77 -22.81 6.20 -2.62
C LEU A 77 -23.13 6.45 -4.08
N ALA A 78 -24.43 6.58 -4.41
CA ALA A 78 -24.75 6.78 -5.84
C ALA A 78 -24.11 8.03 -6.40
N SER A 79 -23.99 9.13 -5.63
CA SER A 79 -23.39 10.36 -6.16
C SER A 79 -21.90 10.28 -6.41
N GLN A 80 -21.28 9.15 -6.07
CA GLN A 80 -19.87 8.86 -6.36
C GLN A 80 -19.78 8.05 -7.64
N GLY A 81 -20.91 7.71 -8.29
CA GLY A 81 -20.85 7.00 -9.55
C GLY A 81 -21.16 5.52 -9.42
N PHE A 82 -22.26 5.19 -8.73
CA PHE A 82 -22.72 3.84 -8.55
C PHE A 82 -24.25 3.76 -8.70
N VAL A 83 -24.76 2.61 -9.18
CA VAL A 83 -26.22 2.40 -9.12
C VAL A 83 -26.43 1.62 -7.82
N VAL A 84 -27.24 2.13 -6.91
CA VAL A 84 -27.34 1.57 -5.57
C VAL A 84 -28.80 1.18 -5.28
N PHE A 85 -29.00 -0.04 -4.85
CA PHE A 85 -30.37 -0.56 -4.66
C PHE A 85 -30.51 -0.95 -3.20
N THR A 86 -31.26 -0.15 -2.44
CA THR A 86 -31.57 -0.50 -1.06
C THR A 86 -32.83 -1.36 -1.08
N ILE A 87 -32.81 -2.55 -0.49
CA ILE A 87 -33.97 -3.43 -0.63
C ILE A 87 -34.65 -3.68 0.70
N ASP A 88 -35.92 -4.07 0.62
CA ASP A 88 -36.64 -4.65 1.75
C ASP A 88 -36.61 -6.17 1.53
N THR A 89 -36.57 -6.96 2.57
CA THR A 89 -36.60 -8.41 2.43
C THR A 89 -38.04 -8.94 2.42
N ASN A 90 -38.21 -10.22 2.12
CA ASN A 90 -39.57 -10.77 2.02
C ASN A 90 -40.32 -10.56 3.32
N THR A 91 -39.72 -10.91 4.43
CA THR A 91 -40.20 -10.64 5.76
C THR A 91 -39.03 -10.03 6.54
N THR A 92 -39.31 -9.30 7.63
CA THR A 92 -38.23 -8.74 8.45
C THR A 92 -37.57 -9.78 9.36
N LEU A 93 -38.08 -11.01 9.38
CA LEU A 93 -37.50 -12.04 10.23
C LEU A 93 -36.62 -13.00 9.44
N ASP A 94 -36.39 -12.71 8.16
CA ASP A 94 -35.60 -13.63 7.32
C ASP A 94 -34.19 -13.79 7.88
N GLN A 95 -33.63 -15.00 7.78
CA GLN A 95 -32.27 -15.25 8.28
C GLN A 95 -31.22 -14.87 7.26
N PRO A 96 -29.93 -14.91 7.64
CA PRO A 96 -28.84 -14.54 6.76
C PRO A 96 -28.77 -15.29 5.46
N ASP A 97 -29.01 -16.61 5.44
CA ASP A 97 -28.93 -17.35 4.16
C ASP A 97 -30.03 -16.90 3.21
N SER A 98 -31.23 -16.65 3.72
CA SER A 98 -32.32 -16.12 2.90
C SER A 98 -32.00 -14.72 2.40
N ARG A 99 -31.42 -13.89 3.27
CA ARG A 99 -31.03 -12.53 2.86
C ARG A 99 -29.99 -12.59 1.75
N GLY A 100 -29.06 -13.53 1.82
CA GLY A 100 -28.11 -13.67 0.70
C GLY A 100 -28.77 -14.01 -0.61
N ARG A 101 -29.79 -14.88 -0.59
CA ARG A 101 -30.49 -15.20 -1.83
C ARG A 101 -31.27 -14.00 -2.35
N GLN A 102 -31.82 -13.21 -1.41
CA GLN A 102 -32.56 -12.02 -1.84
C GLN A 102 -31.65 -10.95 -2.43
N LEU A 103 -30.44 -10.81 -1.89
CA LEU A 103 -29.50 -9.86 -2.53
C LEU A 103 -29.25 -10.26 -3.99
N LEU A 104 -28.98 -11.54 -4.24
CA LEU A 104 -28.78 -11.98 -5.63
C LEU A 104 -30.01 -11.83 -6.48
N SER A 105 -31.23 -12.12 -5.97
CA SER A 105 -32.43 -11.88 -6.75
C SER A 105 -32.61 -10.41 -7.08
N ALA A 106 -32.28 -9.53 -6.13
CA ALA A 106 -32.37 -8.09 -6.42
C ALA A 106 -31.38 -7.65 -7.48
N LEU A 107 -30.16 -8.19 -7.47
CA LEU A 107 -29.22 -7.88 -8.56
C LEU A 107 -29.78 -8.39 -9.89
N ASP A 108 -30.31 -9.61 -9.91
CA ASP A 108 -30.93 -10.13 -11.14
C ASP A 108 -32.02 -9.21 -11.66
N TYR A 109 -32.93 -8.79 -10.79
CA TYR A 109 -33.98 -7.85 -11.17
C TYR A 109 -33.39 -6.57 -11.73
N LEU A 110 -32.48 -5.95 -10.95
CA LEU A 110 -31.86 -4.69 -11.39
C LEU A 110 -31.24 -4.76 -12.77
N THR A 111 -30.41 -5.79 -13.05
CA THR A 111 -29.67 -5.88 -14.28
C THR A 111 -30.46 -6.43 -15.49
N GLN A 112 -31.49 -7.21 -15.22
CA GLN A 112 -32.22 -7.87 -16.30
C GLN A 112 -33.57 -7.24 -16.58
N ARG A 113 -34.25 -6.71 -15.56
CA ARG A 113 -35.61 -6.25 -15.73
C ARG A 113 -35.93 -4.84 -15.35
N SER A 114 -35.12 -4.15 -14.55
CA SER A 114 -35.53 -2.82 -14.08
C SER A 114 -35.48 -1.80 -15.19
N SER A 115 -36.05 -0.62 -14.88
CA SER A 115 -36.01 0.51 -15.81
C SER A 115 -34.65 1.20 -15.87
N VAL A 116 -33.69 0.86 -15.02
CA VAL A 116 -32.35 1.45 -15.15
C VAL A 116 -31.31 0.40 -15.53
N ARG A 117 -31.74 -0.75 -16.07
CA ARG A 117 -30.81 -1.80 -16.46
C ARG A 117 -29.84 -1.37 -17.54
N THR A 118 -30.17 -0.40 -18.40
CA THR A 118 -29.19 0.03 -19.38
C THR A 118 -28.15 0.98 -18.81
N ARG A 119 -28.27 1.45 -17.58
CA ARG A 119 -27.25 2.27 -16.95
C ARG A 119 -26.22 1.43 -16.20
N VAL A 120 -26.52 0.15 -16.05
CA VAL A 120 -25.71 -0.72 -15.23
C VAL A 120 -24.82 -1.65 -16.05
N ASP A 121 -23.59 -1.82 -15.60
CA ASP A 121 -22.69 -2.84 -16.18
C ASP A 121 -22.92 -4.10 -15.37
N ALA A 122 -23.58 -5.13 -15.94
CA ALA A 122 -23.94 -6.29 -15.15
C ALA A 122 -22.76 -7.17 -14.76
N THR A 123 -21.55 -6.93 -15.27
CA THR A 123 -20.38 -7.70 -14.89
C THR A 123 -19.68 -7.14 -13.66
N ARG A 124 -20.09 -6.00 -13.14
CA ARG A 124 -19.40 -5.33 -12.03
C ARG A 124 -20.36 -5.02 -10.90
N LEU A 125 -20.56 -5.99 -10.01
CA LEU A 125 -21.61 -5.94 -9.00
C LEU A 125 -21.04 -6.11 -7.60
N GLY A 126 -21.69 -5.53 -6.60
CA GLY A 126 -21.25 -5.75 -5.23
C GLY A 126 -22.45 -5.88 -4.29
N VAL A 127 -22.17 -6.32 -3.06
CA VAL A 127 -23.21 -6.49 -2.06
C VAL A 127 -22.78 -5.83 -0.76
N MET A 128 -23.75 -5.34 0.01
CA MET A 128 -23.50 -4.75 1.32
C MET A 128 -24.70 -5.06 2.23
N GLY A 129 -24.55 -4.97 3.54
CA GLY A 129 -25.76 -5.12 4.37
C GLY A 129 -25.40 -4.74 5.81
N HIS A 130 -26.42 -4.51 6.61
CA HIS A 130 -26.26 -4.22 8.03
C HIS A 130 -26.75 -5.43 8.83
N SER A 131 -25.97 -5.83 9.82
CA SER A 131 -26.37 -6.86 10.80
C SER A 131 -26.64 -8.17 10.11
N MET A 132 -27.84 -8.80 10.24
CA MET A 132 -28.11 -10.02 9.50
C MET A 132 -27.98 -9.81 7.99
N GLY A 133 -28.27 -8.60 7.47
CA GLY A 133 -28.06 -8.31 6.07
C GLY A 133 -26.57 -8.42 5.71
N GLY A 134 -25.71 -8.03 6.63
CA GLY A 134 -24.27 -8.14 6.47
C GLY A 134 -23.84 -9.60 6.47
N GLY A 135 -24.44 -10.42 7.33
CA GLY A 135 -24.20 -11.87 7.24
C GLY A 135 -24.75 -12.38 5.90
N GLY A 136 -25.83 -11.80 5.38
CA GLY A 136 -26.35 -12.19 4.06
C GLY A 136 -25.39 -11.80 2.95
N SER A 137 -24.62 -10.73 3.10
CA SER A 137 -23.70 -10.32 2.02
C SER A 137 -22.58 -11.35 1.85
N LEU A 138 -22.18 -11.99 2.96
CA LEU A 138 -21.18 -13.04 2.89
C LEU A 138 -21.77 -14.29 2.25
N GLU A 139 -23.03 -14.63 2.58
CA GLU A 139 -23.70 -15.76 1.96
C GLU A 139 -23.81 -15.57 0.45
N ALA A 140 -24.14 -14.34 0.03
CA ALA A 140 -24.24 -14.02 -1.38
C ALA A 140 -22.89 -14.16 -2.11
N ALA A 141 -21.83 -13.70 -1.48
CA ALA A 141 -20.49 -13.84 -2.07
C ALA A 141 -20.01 -15.30 -2.11
N LYS A 142 -20.55 -16.15 -1.23
CA LYS A 142 -20.26 -17.57 -1.26
C LYS A 142 -20.93 -18.23 -2.46
N SER A 143 -22.15 -17.85 -2.82
CA SER A 143 -22.89 -18.39 -3.93
C SER A 143 -22.46 -17.85 -5.28
N ARG A 144 -22.03 -16.59 -5.29
CA ARG A 144 -21.68 -15.93 -6.54
C ARG A 144 -20.28 -15.36 -6.40
N THR A 145 -19.26 -16.17 -6.70
CA THR A 145 -17.89 -15.70 -6.46
C THR A 145 -17.41 -14.69 -7.49
N SER A 146 -18.19 -14.33 -8.51
CA SER A 146 -17.82 -13.26 -9.43
C SER A 146 -18.17 -11.87 -8.89
N LEU A 147 -18.80 -11.76 -7.71
CA LEU A 147 -19.06 -10.44 -7.14
C LEU A 147 -17.73 -9.72 -6.93
N LYS A 148 -17.67 -8.43 -7.21
CA LYS A 148 -16.44 -7.66 -7.10
C LYS A 148 -16.17 -7.08 -5.72
N ALA A 149 -17.18 -6.87 -4.89
CA ALA A 149 -16.96 -6.34 -3.55
C ALA A 149 -18.07 -6.76 -2.59
N ALA A 150 -17.70 -6.99 -1.33
CA ALA A 150 -18.65 -7.33 -0.29
C ALA A 150 -18.34 -6.49 0.94
N ILE A 151 -19.33 -5.83 1.54
CA ILE A 151 -19.09 -5.00 2.71
C ILE A 151 -20.17 -5.24 3.77
N PRO A 152 -19.95 -6.16 4.69
CA PRO A 152 -20.81 -6.33 5.85
C PRO A 152 -20.59 -5.25 6.91
N LEU A 153 -21.65 -4.55 7.33
CA LEU A 153 -21.64 -3.51 8.34
C LEU A 153 -22.17 -4.08 9.63
N THR A 154 -21.33 -4.20 10.65
CA THR A 154 -21.63 -4.83 11.94
C THR A 154 -22.45 -6.10 11.73
N GLY A 155 -21.87 -7.03 10.98
CA GLY A 155 -22.45 -8.23 10.47
C GLY A 155 -22.76 -9.26 11.54
N TRP A 156 -23.82 -10.01 11.33
CA TRP A 156 -24.30 -11.06 12.23
C TRP A 156 -24.51 -12.32 11.42
N ASN A 157 -23.96 -13.45 11.86
CA ASN A 157 -24.16 -14.73 11.19
C ASN A 157 -23.68 -15.83 12.12
N THR A 158 -24.46 -16.92 12.19
CA THR A 158 -24.05 -18.06 12.99
C THR A 158 -22.92 -18.83 12.31
N ASP A 159 -22.82 -18.75 10.99
CA ASP A 159 -21.71 -19.35 10.27
C ASP A 159 -20.53 -18.38 10.33
N LYS A 160 -19.46 -18.82 10.97
CA LYS A 160 -18.33 -17.94 11.25
C LYS A 160 -17.17 -18.02 10.27
N THR A 161 -17.07 -19.09 9.49
CA THR A 161 -15.89 -19.31 8.66
C THR A 161 -16.19 -19.25 7.18
N TRP A 162 -15.43 -18.43 6.42
CA TRP A 162 -15.64 -18.15 5.01
C TRP A 162 -14.41 -18.31 4.15
N PRO A 163 -13.85 -19.52 4.06
CA PRO A 163 -12.65 -19.77 3.27
C PRO A 163 -12.92 -19.87 1.79
N GLU A 164 -14.17 -19.94 1.36
CA GLU A 164 -14.56 -20.05 -0.03
C GLU A 164 -14.54 -18.72 -0.78
N LEU A 165 -14.52 -17.58 -0.08
CA LEU A 165 -14.72 -16.30 -0.75
C LEU A 165 -13.58 -15.89 -1.65
N ARG A 166 -13.92 -15.33 -2.79
CA ARG A 166 -12.96 -14.80 -3.75
C ARG A 166 -13.23 -13.31 -3.99
N THR A 167 -14.21 -12.79 -3.26
CA THR A 167 -14.63 -11.39 -3.40
C THR A 167 -13.92 -10.51 -2.40
N PRO A 168 -13.22 -9.47 -2.83
CA PRO A 168 -12.59 -8.54 -1.89
C PRO A 168 -13.60 -7.99 -0.90
N THR A 169 -13.32 -8.19 0.37
CA THR A 169 -14.28 -7.90 1.43
C THR A 169 -13.75 -6.95 2.48
N LEU A 170 -14.52 -5.90 2.78
CA LEU A 170 -14.20 -4.97 3.85
C LEU A 170 -15.15 -5.26 5.02
N VAL A 171 -14.68 -5.77 6.12
CA VAL A 171 -15.50 -6.07 7.29
C VAL A 171 -15.54 -4.89 8.24
N VAL A 172 -16.74 -4.33 8.48
CA VAL A 172 -16.85 -3.16 9.33
C VAL A 172 -17.48 -3.56 10.66
N GLY A 173 -16.77 -3.31 11.75
CA GLY A 173 -17.25 -3.71 13.09
C GLY A 173 -17.36 -2.46 13.96
N ALA A 174 -18.01 -2.59 15.11
CA ALA A 174 -18.18 -1.45 16.01
C ALA A 174 -17.64 -1.87 17.40
N ASP A 175 -16.82 -1.05 18.02
CA ASP A 175 -16.18 -1.47 19.28
C ASP A 175 -17.20 -1.73 20.39
N GLY A 176 -18.28 -0.96 20.48
CA GLY A 176 -19.27 -1.17 21.52
C GLY A 176 -20.50 -1.97 21.12
N ASP A 177 -20.43 -2.72 20.01
CA ASP A 177 -21.57 -3.53 19.59
C ASP A 177 -21.81 -4.70 20.53
N THR A 178 -23.02 -4.74 21.10
CA THR A 178 -23.38 -5.82 22.01
C THR A 178 -24.33 -6.80 21.34
N VAL A 179 -24.75 -6.49 20.11
CA VAL A 179 -25.72 -7.30 19.38
C VAL A 179 -25.01 -8.31 18.49
N ALA A 180 -23.99 -7.83 17.79
CA ALA A 180 -23.11 -8.70 17.01
C ALA A 180 -21.65 -8.37 17.40
N PRO A 181 -21.25 -8.78 18.60
CA PRO A 181 -19.93 -8.46 19.12
C PRO A 181 -18.84 -8.77 18.13
N VAL A 182 -17.85 -7.90 17.98
CA VAL A 182 -16.79 -8.16 17.00
C VAL A 182 -15.99 -9.41 17.35
N ALA A 183 -15.85 -9.72 18.65
CA ALA A 183 -15.16 -10.92 19.08
C ALA A 183 -15.77 -12.21 18.55
N THR A 184 -17.09 -12.31 18.36
CA THR A 184 -17.70 -13.55 17.90
C THR A 184 -18.32 -13.50 16.51
N HIS A 185 -18.37 -12.32 15.89
CA HIS A 185 -18.90 -12.20 14.53
C HIS A 185 -17.85 -11.60 13.62
N SER A 186 -17.70 -10.29 13.57
CA SER A 186 -16.81 -9.61 12.64
C SER A 186 -15.36 -10.09 12.63
N LYS A 187 -14.70 -10.29 13.79
CA LYS A 187 -13.29 -10.70 13.75
C LYS A 187 -13.12 -12.11 13.22
N PRO A 188 -13.89 -13.08 13.70
CA PRO A 188 -13.90 -14.41 13.14
C PRO A 188 -14.17 -14.40 11.65
N PHE A 189 -15.11 -13.58 11.16
CA PHE A 189 -15.32 -13.51 9.72
C PHE A 189 -14.02 -13.11 9.02
N TYR A 190 -13.44 -12.00 9.48
CA TYR A 190 -12.22 -11.48 8.86
C TYR A 190 -11.07 -12.49 8.87
N GLU A 191 -10.82 -13.09 10.02
CA GLU A 191 -9.72 -14.03 10.18
C GLU A 191 -9.87 -15.30 9.39
N SER A 192 -11.10 -15.73 9.08
CA SER A 192 -11.32 -16.93 8.29
C SER A 192 -11.19 -16.69 6.80
N LEU A 193 -11.20 -15.45 6.31
CA LEU A 193 -11.10 -15.23 4.87
C LEU A 193 -9.71 -15.68 4.39
N PRO A 194 -9.59 -16.14 3.16
CA PRO A 194 -8.30 -16.56 2.62
C PRO A 194 -7.24 -15.50 2.87
N GLY A 195 -6.01 -15.96 3.11
CA GLY A 195 -4.90 -15.03 3.37
C GLY A 195 -4.51 -14.27 2.13
N SER A 196 -4.67 -14.83 0.94
CA SER A 196 -4.32 -14.14 -0.29
C SER A 196 -5.37 -13.13 -0.78
N LEU A 197 -6.57 -13.17 -0.21
CA LEU A 197 -7.64 -12.26 -0.62
C LEU A 197 -7.36 -10.81 -0.32
N ASP A 198 -7.71 -9.88 -1.20
CA ASP A 198 -7.68 -8.46 -0.84
C ASP A 198 -8.79 -8.25 0.20
N LYS A 199 -8.48 -7.93 1.43
CA LYS A 199 -9.51 -7.80 2.47
C LYS A 199 -9.09 -6.77 3.51
N ALA A 200 -10.01 -6.37 4.37
CA ALA A 200 -9.71 -5.36 5.39
C ALA A 200 -10.78 -5.41 6.47
N TYR A 201 -10.34 -5.04 7.67
CA TYR A 201 -11.15 -5.02 8.86
C TYR A 201 -11.07 -3.62 9.46
N LEU A 202 -12.20 -2.95 9.58
CA LEU A 202 -12.34 -1.61 10.08
C LEU A 202 -13.19 -1.67 11.34
N GLU A 203 -12.60 -1.37 12.49
CA GLU A 203 -13.39 -1.32 13.72
C GLU A 203 -13.61 0.12 14.13
N LEU A 204 -14.87 0.56 14.18
CA LEU A 204 -15.14 1.95 14.52
C LEU A 204 -14.94 2.18 16.02
N ARG A 205 -14.43 3.35 16.38
CA ARG A 205 -14.28 3.69 17.79
C ARG A 205 -15.50 4.44 18.31
N GLY A 206 -15.97 4.07 19.49
CA GLY A 206 -17.08 4.74 20.15
C GLY A 206 -18.38 4.55 19.37
N ALA A 207 -18.59 3.33 18.90
CA ALA A 207 -19.75 3.07 18.04
C ALA A 207 -20.56 1.91 18.60
N SER A 208 -21.81 1.78 18.15
CA SER A 208 -22.63 0.66 18.60
C SER A 208 -23.13 -0.13 17.40
N HIS A 209 -23.99 -1.11 17.65
CA HIS A 209 -24.66 -1.83 16.57
C HIS A 209 -25.46 -0.94 15.64
N PHE A 210 -25.99 0.18 16.11
CA PHE A 210 -26.83 1.07 15.30
C PHE A 210 -26.13 2.26 14.71
N THR A 211 -24.78 2.35 14.86
CA THR A 211 -24.06 3.43 14.19
C THR A 211 -24.19 3.43 12.68
N PRO A 212 -24.22 2.28 12.01
CA PRO A 212 -24.39 2.22 10.56
C PRO A 212 -25.76 2.64 10.06
N ASN A 213 -26.76 2.87 10.92
CA ASN A 213 -28.10 3.26 10.48
C ASN A 213 -28.25 4.76 10.37
N THR A 214 -27.22 5.53 10.69
CA THR A 214 -27.24 6.99 10.55
C THR A 214 -26.00 7.41 9.80
N SER A 215 -26.01 8.52 9.08
CA SER A 215 -24.85 8.99 8.34
C SER A 215 -23.57 8.91 9.16
N ASP A 216 -22.53 8.28 8.62
CA ASP A 216 -21.26 8.19 9.32
C ASP A 216 -20.14 8.42 8.29
N THR A 217 -19.36 9.46 8.48
CA THR A 217 -18.28 9.77 7.53
C THR A 217 -17.23 8.68 7.40
N THR A 218 -16.87 8.00 8.48
CA THR A 218 -15.88 6.94 8.43
C THR A 218 -16.40 5.75 7.61
N ILE A 219 -17.63 5.31 7.89
CA ILE A 219 -18.21 4.23 7.08
C ILE A 219 -18.25 4.65 5.61
N ALA A 220 -18.70 5.87 5.35
CA ALA A 220 -18.84 6.35 3.98
C ALA A 220 -17.51 6.43 3.24
N LYS A 221 -16.50 7.05 3.84
CA LYS A 221 -15.25 7.21 3.08
C LYS A 221 -14.59 5.87 2.75
N TYR A 222 -14.58 4.89 3.64
CA TYR A 222 -13.94 3.61 3.35
C TYR A 222 -14.84 2.75 2.47
N SER A 223 -16.17 2.93 2.58
CA SER A 223 -17.04 2.16 1.69
C SER A 223 -16.87 2.66 0.26
N ILE A 224 -16.82 3.97 0.09
CA ILE A 224 -16.63 4.53 -1.26
C ILE A 224 -15.31 4.07 -1.85
N SER A 225 -14.24 4.17 -1.03
CA SER A 225 -12.91 3.78 -1.55
C SER A 225 -12.87 2.32 -1.96
N TRP A 226 -13.45 1.46 -1.14
CA TRP A 226 -13.47 0.03 -1.35
C TRP A 226 -14.25 -0.30 -2.62
N LEU A 227 -15.43 0.32 -2.80
CA LEU A 227 -16.19 0.08 -4.03
C LEU A 227 -15.46 0.62 -5.25
N LYS A 228 -14.91 1.82 -5.16
CA LYS A 228 -14.18 2.38 -6.31
C LYS A 228 -13.03 1.46 -6.68
N ARG A 229 -12.24 1.07 -5.67
CA ARG A 229 -11.08 0.21 -5.95
C ARG A 229 -11.41 -1.12 -6.60
N PHE A 230 -12.49 -1.78 -6.17
CA PHE A 230 -12.80 -3.14 -6.62
C PHE A 230 -13.92 -3.27 -7.62
N ILE A 231 -15.00 -2.49 -7.51
CA ILE A 231 -16.04 -2.54 -8.56
C ILE A 231 -15.53 -1.86 -9.82
N ASP A 232 -14.81 -0.75 -9.67
CA ASP A 232 -14.33 -0.04 -10.87
C ASP A 232 -12.88 -0.36 -11.21
N SER A 233 -12.22 -1.15 -10.38
CA SER A 233 -10.76 -1.36 -10.52
C SER A 233 -10.02 -0.04 -10.53
N ASP A 234 -10.48 0.93 -9.76
CA ASP A 234 -10.00 2.31 -9.87
C ASP A 234 -8.80 2.45 -8.93
N THR A 235 -7.59 2.36 -9.53
CA THR A 235 -6.38 2.42 -8.70
C THR A 235 -6.10 3.80 -8.15
N ARG A 236 -6.84 4.85 -8.50
CA ARG A 236 -6.70 6.16 -7.89
C ARG A 236 -7.16 6.15 -6.44
N TYR A 237 -7.93 5.14 -6.02
CA TYR A 237 -8.45 5.09 -4.67
C TYR A 237 -7.65 4.18 -3.76
N GLU A 238 -6.65 3.48 -4.31
CA GLU A 238 -5.78 2.60 -3.53
C GLU A 238 -5.06 3.39 -2.45
N GLN A 239 -4.74 4.65 -2.71
CA GLN A 239 -4.03 5.50 -1.76
C GLN A 239 -4.75 5.71 -0.44
N PHE A 240 -6.09 5.56 -0.39
CA PHE A 240 -6.82 5.71 0.85
C PHE A 240 -6.85 4.45 1.69
N LEU A 241 -6.52 3.33 1.05
CA LEU A 241 -6.62 2.03 1.67
C LEU A 241 -5.26 1.44 2.04
N CYS A 242 -4.24 1.83 1.27
CA CYS A 242 -2.89 1.28 1.50
C CYS A 242 -1.85 2.39 1.41
N PRO A 243 -0.96 2.53 2.37
CA PRO A 243 -0.89 1.68 3.54
C PRO A 243 -2.11 1.81 4.43
N ILE A 244 -2.41 0.82 5.25
CA ILE A 244 -3.64 0.89 6.06
C ILE A 244 -3.63 2.09 6.99
N PRO A 245 -4.81 2.65 7.24
CA PRO A 245 -4.99 3.74 8.15
C PRO A 245 -4.52 3.38 9.55
N ARG A 246 -4.05 4.36 10.30
CA ARG A 246 -3.71 4.15 11.69
C ARG A 246 -4.92 4.40 12.58
N PRO A 247 -4.88 3.87 13.79
CA PRO A 247 -5.91 4.13 14.80
C PRO A 247 -6.03 5.63 15.01
N SER A 248 -7.24 6.10 15.27
CA SER A 248 -7.49 7.53 15.38
C SER A 248 -8.70 7.78 16.29
N LEU A 249 -9.28 8.96 16.20
CA LEU A 249 -10.49 9.31 16.93
C LEU A 249 -11.68 8.43 16.53
N THR A 250 -11.77 8.18 15.22
CA THR A 250 -12.87 7.41 14.66
C THR A 250 -12.55 5.95 14.42
N ILE A 251 -11.27 5.59 14.26
CA ILE A 251 -10.87 4.22 14.02
C ILE A 251 -10.21 3.57 15.23
N ALA A 252 -10.81 2.53 15.78
CA ALA A 252 -10.23 1.81 16.90
C ALA A 252 -9.11 0.87 16.43
N GLU A 253 -9.35 0.19 15.32
CA GLU A 253 -8.39 -0.76 14.78
C GLU A 253 -8.64 -0.93 13.29
N TYR A 254 -7.60 -1.22 12.53
CA TYR A 254 -7.73 -1.48 11.09
C TYR A 254 -6.71 -2.54 10.71
N ARG A 255 -7.13 -3.59 10.03
CA ARG A 255 -6.25 -4.65 9.55
C ARG A 255 -6.42 -4.77 8.04
N GLY A 256 -5.39 -5.18 7.29
CA GLY A 256 -5.60 -5.23 5.82
C GLY A 256 -4.39 -5.96 5.19
N THR A 257 -4.61 -6.44 3.99
CA THR A 257 -3.59 -7.05 3.14
C THR A 257 -3.30 -5.92 2.18
N CYS A 258 -2.12 -5.39 2.24
CA CYS A 258 -1.67 -4.27 1.38
C CYS A 258 -0.31 -4.80 0.91
N PRO A 259 0.07 -4.49 -0.31
CA PRO A 259 -0.75 -3.78 -1.27
C PRO A 259 -1.78 -4.68 -1.94
N HIS A 260 -2.86 -4.11 -2.51
CA HIS A 260 -3.86 -4.99 -3.13
C HIS A 260 -3.34 -5.52 -4.47
N THR A 261 -3.81 -6.72 -4.82
CA THR A 261 -3.37 -7.39 -6.08
C THR A 261 -4.51 -7.49 -7.16
N SER A 262 -5.79 -7.15 -6.81
CA SER A 262 -6.91 -7.04 -7.85
C SER A 262 -6.46 -6.21 -8.56
N ASN B 3 7.87 -9.39 -15.27
CA ASN B 3 9.00 -9.30 -14.26
C ASN B 3 8.50 -9.85 -12.94
N PRO B 4 9.04 -10.97 -12.50
CA PRO B 4 8.66 -11.63 -11.27
C PRO B 4 9.06 -10.89 -10.00
N TYR B 5 9.95 -9.91 -10.09
CA TYR B 5 10.36 -9.15 -8.91
C TYR B 5 9.59 -7.87 -8.65
N GLU B 6 8.68 -7.48 -9.56
CA GLU B 6 7.88 -6.28 -9.34
C GLU B 6 7.03 -6.43 -8.08
N ARG B 7 7.01 -5.39 -7.26
CA ARG B 7 6.22 -5.38 -6.05
C ARG B 7 5.44 -4.09 -5.95
N GLY B 8 4.18 -4.16 -5.51
CA GLY B 8 3.41 -2.92 -5.33
C GLY B 8 2.81 -2.45 -6.65
N PRO B 9 1.91 -1.48 -6.56
CA PRO B 9 1.21 -0.96 -7.72
C PRO B 9 2.06 0.00 -8.52
N ALA B 10 1.54 0.46 -9.65
CA ALA B 10 2.23 1.44 -10.46
C ALA B 10 2.54 2.67 -9.63
N PRO B 11 3.79 3.12 -9.68
CA PRO B 11 4.21 4.27 -8.91
C PRO B 11 3.72 5.58 -9.51
N THR B 12 3.81 6.57 -8.68
CA THR B 12 3.46 7.95 -8.93
C THR B 12 4.48 8.83 -8.23
N ASN B 13 4.60 10.11 -8.53
CA ASN B 13 5.48 10.98 -7.76
C ASN B 13 5.11 11.03 -6.29
N ALA B 14 3.80 11.04 -5.99
CA ALA B 14 3.32 11.03 -4.64
C ALA B 14 3.70 9.74 -3.92
N SER B 15 3.69 8.60 -4.62
CA SER B 15 3.95 7.35 -3.89
C SER B 15 5.43 7.23 -3.51
N ILE B 16 6.33 7.82 -4.28
CA ILE B 16 7.76 7.69 -3.96
C ILE B 16 8.19 8.76 -2.97
N GLU B 17 7.39 9.81 -2.82
CA GLU B 17 7.64 10.87 -1.86
C GLU B 17 6.98 10.58 -0.52
N ALA B 18 6.08 9.61 -0.49
CA ALA B 18 5.36 9.29 0.75
C ALA B 18 6.31 8.84 1.85
N SER B 19 5.91 9.14 3.08
CA SER B 19 6.61 8.69 4.27
C SER B 19 6.66 7.18 4.41
N ARG B 20 5.52 6.53 4.08
CA ARG B 20 5.42 5.08 4.17
C ARG B 20 4.87 4.53 2.85
N GLY B 21 5.46 3.45 2.36
CA GLY B 21 4.88 2.78 1.18
C GLY B 21 3.72 1.89 1.68
N PRO B 22 3.25 0.97 0.84
CA PRO B 22 2.09 0.16 1.15
C PRO B 22 2.29 -1.01 2.07
N TYR B 23 3.53 -1.51 2.21
CA TYR B 23 3.71 -2.70 3.03
C TYR B 23 3.79 -2.35 4.51
N ALA B 24 3.02 -3.09 5.31
CA ALA B 24 3.17 -3.03 6.75
C ALA B 24 4.57 -3.60 7.05
N THR B 25 5.25 -3.04 8.03
CA THR B 25 6.59 -3.54 8.33
C THR B 25 6.71 -3.99 9.78
N SER B 26 7.68 -4.87 9.98
CA SER B 26 8.08 -5.32 11.30
C SER B 26 9.59 -5.06 11.45
N GLN B 27 10.10 -5.30 12.66
CA GLN B 27 11.54 -5.11 12.84
C GLN B 27 12.05 -6.11 13.87
N THR B 28 13.31 -6.48 13.71
CA THR B 28 13.91 -7.40 14.69
C THR B 28 15.37 -6.99 14.91
N SER B 29 15.82 -7.11 16.15
CA SER B 29 17.17 -6.70 16.50
C SER B 29 18.15 -7.87 16.40
N VAL B 30 19.37 -7.53 15.97
CA VAL B 30 20.47 -8.47 15.94
C VAL B 30 21.52 -7.95 16.91
N SER B 31 21.76 -8.70 17.99
CA SER B 31 22.75 -8.33 18.97
C SER B 31 24.17 -8.30 18.42
N SER B 32 25.04 -7.45 18.99
CA SER B 32 26.45 -7.47 18.61
C SER B 32 27.15 -8.75 19.10
N LEU B 33 26.57 -9.44 20.08
CA LEU B 33 27.12 -10.71 20.52
C LEU B 33 26.92 -11.81 19.49
N VAL B 34 25.83 -11.76 18.72
CA VAL B 34 25.62 -12.85 17.74
C VAL B 34 26.09 -12.45 16.36
N ALA B 35 26.23 -11.16 16.06
CA ALA B 35 26.68 -10.73 14.74
C ALA B 35 28.14 -11.08 14.50
N SER B 36 28.45 -11.87 13.48
CA SER B 36 29.85 -12.17 13.18
C SER B 36 30.44 -11.16 12.21
N GLY B 37 31.44 -10.36 12.60
CA GLY B 37 32.07 -9.49 11.62
C GLY B 37 31.44 -8.10 11.52
N PHE B 38 30.48 -7.77 12.38
CA PHE B 38 29.95 -6.39 12.38
C PHE B 38 29.31 -6.13 13.73
N GLY B 39 28.85 -4.93 14.05
CA GLY B 39 28.43 -4.63 15.40
C GLY B 39 26.95 -4.85 15.71
N GLY B 40 26.24 -5.64 14.93
CA GLY B 40 24.82 -5.87 15.16
C GLY B 40 23.98 -4.87 14.35
N GLY B 41 22.65 -4.90 14.54
CA GLY B 41 21.86 -3.91 13.79
C GLY B 41 20.37 -4.21 13.97
N THR B 42 19.60 -3.54 13.11
CA THR B 42 18.15 -3.71 13.16
C THR B 42 17.66 -4.09 11.76
N ILE B 43 16.85 -5.13 11.66
CA ILE B 43 16.32 -5.52 10.36
C ILE B 43 14.85 -5.07 10.29
N TYR B 44 14.51 -4.28 9.30
CA TYR B 44 13.16 -3.85 8.99
C TYR B 44 12.67 -4.62 7.76
N TYR B 45 11.46 -5.16 7.83
CA TYR B 45 11.00 -6.00 6.71
C TYR B 45 9.47 -5.98 6.58
N PRO B 46 9.00 -6.15 5.35
CA PRO B 46 7.56 -6.26 5.11
C PRO B 46 7.02 -7.47 5.84
N THR B 47 5.96 -7.27 6.61
CA THR B 47 5.36 -8.38 7.36
C THR B 47 4.83 -9.49 6.47
N SER B 48 4.21 -9.09 5.37
CA SER B 48 3.55 -9.99 4.45
C SER B 48 4.52 -10.85 3.63
N THR B 49 4.18 -12.13 3.48
CA THR B 49 4.93 -13.03 2.61
C THR B 49 4.07 -13.41 1.40
N ALA B 50 2.94 -12.73 1.23
CA ALA B 50 2.02 -13.01 0.15
C ALA B 50 2.60 -12.70 -1.23
N ASP B 51 3.42 -11.65 -1.34
CA ASP B 51 3.92 -11.28 -2.66
C ASP B 51 5.23 -11.97 -3.03
N GLY B 52 5.82 -12.76 -2.14
CA GLY B 52 7.07 -13.42 -2.50
C GLY B 52 8.23 -12.82 -1.68
N THR B 53 9.45 -13.12 -2.10
CA THR B 53 10.62 -12.67 -1.36
C THR B 53 10.98 -11.28 -1.88
N PHE B 54 11.81 -10.57 -1.15
CA PHE B 54 12.22 -9.22 -1.48
C PHE B 54 13.75 -9.09 -1.57
N GLY B 55 14.23 -8.10 -2.30
CA GLY B 55 15.67 -7.80 -2.33
C GLY B 55 15.99 -7.18 -0.94
N ALA B 56 17.28 -7.08 -0.66
CA ALA B 56 17.73 -6.57 0.63
C ALA B 56 18.83 -5.54 0.50
N VAL B 57 18.82 -4.58 1.43
CA VAL B 57 19.81 -3.50 1.42
C VAL B 57 20.39 -3.38 2.82
N VAL B 58 21.70 -3.18 2.92
CA VAL B 58 22.35 -2.99 4.23
C VAL B 58 22.90 -1.57 4.25
N ILE B 59 22.76 -0.88 5.38
CA ILE B 59 23.11 0.54 5.45
C ILE B 59 24.11 0.76 6.57
N SER B 60 25.20 1.48 6.25
CA SER B 60 26.19 1.74 7.31
C SER B 60 26.19 3.21 7.70
N PRO B 61 26.39 3.52 8.98
CA PRO B 61 26.59 4.88 9.43
C PRO B 61 28.01 5.35 9.13
N GLY B 62 28.31 6.60 9.47
CA GLY B 62 29.62 7.18 9.25
C GLY B 62 30.45 7.25 10.54
N PHE B 63 31.57 7.94 10.43
CA PHE B 63 32.52 8.15 11.51
C PHE B 63 31.88 8.70 12.77
N THR B 64 32.13 8.08 13.89
CA THR B 64 31.64 8.30 15.23
C THR B 64 30.11 8.19 15.33
N ALA B 65 29.48 7.51 14.36
CA ALA B 65 28.02 7.45 14.36
C ALA B 65 27.51 6.04 14.55
N TYR B 66 26.27 5.93 15.02
CA TYR B 66 25.58 4.67 15.26
C TYR B 66 24.35 4.54 14.35
N GLN B 67 23.57 3.48 14.54
CA GLN B 67 22.34 3.28 13.79
C GLN B 67 21.35 4.43 13.87
N SER B 68 21.26 5.13 15.00
CA SER B 68 20.33 6.25 15.13
C SER B 68 20.50 7.31 14.05
N SER B 69 21.68 7.50 13.48
CA SER B 69 21.93 8.42 12.40
C SER B 69 21.32 8.01 11.07
N ILE B 70 21.01 6.74 10.88
CA ILE B 70 20.45 6.27 9.63
C ILE B 70 19.11 5.55 9.83
N ALA B 71 18.61 5.49 11.05
CA ALA B 71 17.40 4.72 11.34
C ALA B 71 16.16 5.16 10.54
N TRP B 72 16.04 6.41 10.13
CA TRP B 72 14.85 6.85 9.40
C TRP B 72 14.69 6.15 8.04
N LEU B 73 15.79 5.67 7.45
CA LEU B 73 15.75 4.95 6.19
C LEU B 73 15.14 3.57 6.34
N GLY B 74 15.17 2.98 7.53
CA GLY B 74 14.66 1.62 7.74
C GLY B 74 13.21 1.43 7.33
N PRO B 75 12.30 2.08 8.04
CA PRO B 75 10.87 1.95 7.77
C PRO B 75 10.50 2.56 6.43
N ARG B 76 11.16 3.66 6.09
CA ARG B 76 10.87 4.43 4.88
C ARG B 76 11.09 3.58 3.64
N LEU B 77 12.24 2.90 3.59
CA LEU B 77 12.54 2.03 2.47
C LEU B 77 11.84 0.69 2.60
N ALA B 78 11.82 0.06 3.78
CA ALA B 78 11.27 -1.28 3.89
C ALA B 78 9.77 -1.31 3.55
N SER B 79 9.03 -0.24 3.85
CA SER B 79 7.60 -0.19 3.54
C SER B 79 7.33 -0.13 2.05
N GLN B 80 8.35 0.15 1.21
CA GLN B 80 8.21 0.14 -0.22
C GLN B 80 8.47 -1.25 -0.77
N GLY B 81 8.85 -2.23 0.03
CA GLY B 81 9.04 -3.60 -0.44
C GLY B 81 10.50 -4.01 -0.48
N PHE B 82 11.24 -3.83 0.62
CA PHE B 82 12.64 -4.23 0.74
C PHE B 82 12.95 -4.74 2.13
N VAL B 83 13.92 -5.62 2.31
CA VAL B 83 14.40 -5.97 3.66
C VAL B 83 15.59 -5.04 3.90
N VAL B 84 15.58 -4.26 4.98
CA VAL B 84 16.57 -3.19 5.12
C VAL B 84 17.33 -3.45 6.42
N PHE B 85 18.66 -3.50 6.36
CA PHE B 85 19.37 -3.85 7.60
C PHE B 85 20.25 -2.66 7.98
N THR B 86 19.95 -1.90 9.03
CA THR B 86 20.79 -0.79 9.44
C THR B 86 21.79 -1.32 10.48
N ILE B 87 23.08 -1.17 10.24
CA ILE B 87 24.03 -1.81 11.14
C ILE B 87 24.82 -0.79 11.97
N ASP B 88 25.38 -1.28 13.08
CA ASP B 88 26.42 -0.59 13.80
C ASP B 88 27.74 -1.29 13.37
N THR B 89 28.82 -0.52 13.31
CA THR B 89 30.11 -1.09 12.95
C THR B 89 30.82 -1.62 14.20
N ASN B 90 31.90 -2.38 14.01
CA ASN B 90 32.61 -2.95 15.16
C ASN B 90 33.03 -1.85 16.14
N THR B 91 33.59 -0.75 15.66
CA THR B 91 33.87 0.42 16.47
C THR B 91 33.39 1.63 15.67
N THR B 92 33.21 2.79 16.30
CA THR B 92 32.77 3.97 15.53
C THR B 92 33.91 4.65 14.80
N LEU B 93 35.14 4.17 14.98
CA LEU B 93 36.28 4.75 14.27
C LEU B 93 36.70 3.92 13.07
N ASP B 94 35.94 2.90 12.67
CA ASP B 94 36.40 2.07 11.55
C ASP B 94 36.50 2.88 10.27
N GLN B 95 37.50 2.56 9.44
CA GLN B 95 37.72 3.26 8.19
C GLN B 95 36.82 2.70 7.09
N PRO B 96 36.78 3.34 5.95
CA PRO B 96 35.91 2.89 4.85
C PRO B 96 36.15 1.48 4.39
N ASP B 97 37.41 1.04 4.24
CA ASP B 97 37.60 -0.35 3.77
C ASP B 97 37.05 -1.36 4.74
N SER B 98 37.20 -1.13 6.04
CA SER B 98 36.66 -1.99 7.07
C SER B 98 35.12 -1.94 7.07
N ARG B 99 34.57 -0.75 6.81
CA ARG B 99 33.10 -0.62 6.76
C ARG B 99 32.56 -1.45 5.58
N GLY B 100 33.32 -1.52 4.48
CA GLY B 100 32.92 -2.32 3.32
C GLY B 100 32.91 -3.79 3.63
N ARG B 101 33.87 -4.29 4.41
CA ARG B 101 33.89 -5.69 4.81
C ARG B 101 32.69 -5.99 5.70
N GLN B 102 32.38 -5.05 6.58
CA GLN B 102 31.27 -5.24 7.51
C GLN B 102 29.91 -5.24 6.83
N LEU B 103 29.78 -4.40 5.80
CA LEU B 103 28.52 -4.46 5.00
C LEU B 103 28.34 -5.84 4.38
N LEU B 104 29.42 -6.42 3.84
CA LEU B 104 29.27 -7.76 3.24
C LEU B 104 29.02 -8.81 4.31
N SER B 105 29.69 -8.71 5.46
CA SER B 105 29.42 -9.66 6.54
C SER B 105 27.97 -9.58 7.00
N ALA B 106 27.42 -8.38 7.06
CA ALA B 106 26.02 -8.20 7.48
C ALA B 106 25.08 -8.79 6.44
N LEU B 107 25.41 -8.67 5.14
CA LEU B 107 24.61 -9.34 4.12
C LEU B 107 24.68 -10.86 4.27
N ASP B 108 25.88 -11.40 4.54
CA ASP B 108 26.03 -12.83 4.73
C ASP B 108 25.16 -13.32 5.89
N TYR B 109 25.19 -12.59 7.00
CA TYR B 109 24.40 -12.95 8.17
C TYR B 109 22.91 -12.89 7.85
N LEU B 110 22.49 -11.83 7.15
CA LEU B 110 21.08 -11.63 6.85
C LEU B 110 20.53 -12.75 5.98
N THR B 111 21.28 -13.09 4.94
CA THR B 111 20.84 -14.11 4.00
C THR B 111 21.07 -15.54 4.45
N GLN B 112 22.06 -15.82 5.30
CA GLN B 112 22.36 -17.20 5.64
C GLN B 112 21.90 -17.60 7.02
N ARG B 113 21.87 -16.67 7.98
CA ARG B 113 21.62 -17.06 9.36
C ARG B 113 20.48 -16.33 10.05
N SER B 114 20.04 -15.17 9.59
CA SER B 114 19.04 -14.41 10.31
C SER B 114 17.69 -15.13 10.33
N SER B 115 16.83 -14.63 11.24
CA SER B 115 15.47 -15.18 11.34
C SER B 115 14.58 -14.69 10.21
N VAL B 116 15.01 -13.75 9.38
CA VAL B 116 14.18 -13.32 8.25
C VAL B 116 14.74 -13.80 6.93
N ARG B 117 15.71 -14.71 6.94
CA ARG B 117 16.41 -15.11 5.72
C ARG B 117 15.47 -15.76 4.71
N THR B 118 14.35 -16.36 5.14
CA THR B 118 13.42 -16.88 4.12
C THR B 118 12.62 -15.80 3.42
N ARG B 119 12.67 -14.54 3.82
CA ARG B 119 11.94 -13.48 3.15
C ARG B 119 12.78 -12.73 2.12
N VAL B 120 14.08 -13.05 2.13
CA VAL B 120 15.02 -12.37 1.24
C VAL B 120 15.37 -13.20 0.01
N ASP B 121 15.46 -12.58 -1.14
CA ASP B 121 16.06 -13.17 -2.31
C ASP B 121 17.56 -12.88 -2.22
N ALA B 122 18.40 -13.85 -1.85
CA ALA B 122 19.83 -13.60 -1.71
C ALA B 122 20.56 -13.23 -2.98
N THR B 123 19.98 -13.30 -4.17
CA THR B 123 20.70 -12.94 -5.40
C THR B 123 20.48 -11.48 -5.74
N ARG B 124 19.69 -10.76 -4.96
CA ARG B 124 19.34 -9.36 -5.27
C ARG B 124 19.57 -8.45 -4.07
N LEU B 125 20.81 -7.99 -3.92
CA LEU B 125 21.26 -7.26 -2.76
C LEU B 125 21.88 -5.90 -3.10
N GLY B 126 21.86 -5.01 -2.12
CA GLY B 126 22.46 -3.69 -2.37
C GLY B 126 23.07 -3.13 -1.07
N VAL B 127 23.82 -2.04 -1.25
CA VAL B 127 24.52 -1.45 -0.12
C VAL B 127 24.30 0.05 -0.14
N MET B 128 24.28 0.70 1.01
CA MET B 128 24.15 2.14 1.14
C MET B 128 24.92 2.60 2.38
N GLY B 129 25.29 3.87 2.44
CA GLY B 129 25.94 4.30 3.70
C GLY B 129 26.04 5.82 3.70
N HIS B 130 26.29 6.33 4.88
CA HIS B 130 26.49 7.78 5.03
C HIS B 130 27.98 8.05 5.30
N SER B 131 28.54 9.06 4.67
CA SER B 131 29.89 9.51 5.03
C SER B 131 30.94 8.44 4.82
N MET B 132 31.73 8.06 5.84
CA MET B 132 32.66 6.95 5.68
C MET B 132 31.93 5.64 5.36
N GLY B 133 30.66 5.51 5.81
CA GLY B 133 29.87 4.36 5.44
C GLY B 133 29.57 4.36 3.93
N GLY B 134 29.43 5.54 3.35
CA GLY B 134 29.23 5.73 1.92
C GLY B 134 30.50 5.30 1.20
N GLY B 135 31.66 5.71 1.71
CA GLY B 135 32.93 5.22 1.15
C GLY B 135 32.99 3.70 1.30
N GLY B 136 32.47 3.13 2.38
CA GLY B 136 32.43 1.67 2.54
C GLY B 136 31.53 0.96 1.53
N SER B 137 30.46 1.63 1.07
CA SER B 137 29.59 1.09 0.04
C SER B 137 30.32 0.80 -1.25
N LEU B 138 31.15 1.78 -1.65
CA LEU B 138 31.98 1.63 -2.85
C LEU B 138 32.97 0.49 -2.66
N GLU B 139 33.61 0.42 -1.48
CA GLU B 139 34.51 -0.71 -1.19
C GLU B 139 33.80 -2.06 -1.28
N ALA B 140 32.58 -2.19 -0.73
CA ALA B 140 31.85 -3.43 -0.79
C ALA B 140 31.54 -3.81 -2.25
N ALA B 141 31.18 -2.82 -3.07
CA ALA B 141 30.85 -3.08 -4.47
C ALA B 141 32.09 -3.46 -5.31
N LYS B 142 33.26 -3.00 -4.90
CA LYS B 142 34.52 -3.41 -5.53
C LYS B 142 34.82 -4.88 -5.25
N SER B 143 34.54 -5.34 -4.03
CA SER B 143 34.78 -6.73 -3.68
C SER B 143 33.70 -7.70 -4.19
N ARG B 144 32.47 -7.21 -4.22
CA ARG B 144 31.31 -8.06 -4.51
C ARG B 144 30.59 -7.41 -5.68
N THR B 145 31.07 -7.76 -6.86
CA THR B 145 30.64 -7.16 -8.12
C THR B 145 29.26 -7.60 -8.58
N SER B 146 28.67 -8.58 -7.92
CA SER B 146 27.31 -9.06 -8.09
C SER B 146 26.26 -8.21 -7.37
N LEU B 147 26.66 -7.23 -6.56
CA LEU B 147 25.70 -6.34 -5.90
C LEU B 147 24.87 -5.61 -6.96
N LYS B 148 23.57 -5.44 -6.74
CA LYS B 148 22.71 -4.80 -7.73
C LYS B 148 22.60 -3.30 -7.65
N ALA B 149 22.93 -2.73 -6.48
CA ALA B 149 22.86 -1.28 -6.34
C ALA B 149 23.77 -0.79 -5.21
N ALA B 150 24.31 0.40 -5.40
CA ALA B 150 25.13 1.02 -4.35
C ALA B 150 24.75 2.49 -4.28
N ILE B 151 24.53 3.00 -3.08
CA ILE B 151 24.14 4.39 -2.90
C ILE B 151 24.93 5.03 -1.76
N PRO B 152 26.09 5.61 -2.05
CA PRO B 152 26.79 6.43 -1.08
C PRO B 152 26.08 7.75 -0.82
N LEU B 153 25.85 8.09 0.45
CA LEU B 153 25.20 9.34 0.82
C LEU B 153 26.24 10.29 1.42
N THR B 154 26.55 11.38 0.77
CA THR B 154 27.64 12.31 1.12
C THR B 154 28.87 11.52 1.55
N GLY B 155 29.36 10.67 0.66
CA GLY B 155 30.39 9.67 0.94
C GLY B 155 31.77 10.30 1.11
N TRP B 156 32.52 9.67 1.98
CA TRP B 156 33.89 10.07 2.31
C TRP B 156 34.82 8.89 2.04
N ASN B 157 35.86 9.11 1.23
CA ASN B 157 36.83 8.05 0.98
C ASN B 157 38.10 8.73 0.42
N THR B 158 39.20 8.22 0.95
CA THR B 158 40.53 8.63 0.52
C THR B 158 40.86 8.08 -0.85
N ASP B 159 40.35 6.90 -1.23
CA ASP B 159 40.51 6.35 -2.57
C ASP B 159 39.44 6.97 -3.50
N LYS B 160 39.83 7.63 -4.57
CA LYS B 160 38.91 8.45 -5.34
C LYS B 160 38.40 7.83 -6.64
N THR B 161 39.07 6.78 -7.05
CA THR B 161 38.92 6.17 -8.37
C THR B 161 38.35 4.78 -8.35
N TRP B 162 37.18 4.59 -9.03
CA TRP B 162 36.45 3.32 -9.00
C TRP B 162 36.08 2.76 -10.36
N PRO B 163 37.03 2.47 -11.25
CA PRO B 163 36.74 2.01 -12.59
C PRO B 163 36.32 0.56 -12.70
N GLU B 164 36.51 -0.22 -11.65
CA GLU B 164 36.15 -1.64 -11.69
C GLU B 164 34.71 -1.94 -11.26
N LEU B 165 33.95 -0.94 -10.80
CA LEU B 165 32.61 -1.27 -10.33
C LEU B 165 31.71 -1.69 -11.49
N ARG B 166 30.85 -2.65 -11.22
CA ARG B 166 29.85 -3.10 -12.19
C ARG B 166 28.45 -3.00 -11.59
N THR B 167 28.37 -2.28 -10.48
CA THR B 167 27.11 -2.14 -9.74
C THR B 167 26.52 -0.77 -10.01
N PRO B 168 25.26 -0.68 -10.45
CA PRO B 168 24.64 0.62 -10.68
C PRO B 168 24.70 1.46 -9.43
N THR B 169 25.29 2.64 -9.56
CA THR B 169 25.58 3.49 -8.39
C THR B 169 24.99 4.88 -8.52
N LEU B 170 24.24 5.29 -7.50
CA LEU B 170 23.72 6.63 -7.38
C LEU B 170 24.54 7.38 -6.34
N VAL B 171 25.30 8.38 -6.76
CA VAL B 171 26.15 9.12 -5.82
C VAL B 171 25.43 10.37 -5.34
N VAL B 172 25.14 10.47 -4.06
CA VAL B 172 24.38 11.61 -3.52
C VAL B 172 25.33 12.55 -2.78
N GLY B 173 25.43 13.80 -3.22
CA GLY B 173 26.29 14.77 -2.50
C GLY B 173 25.49 15.97 -2.03
N ALA B 174 26.12 16.86 -1.26
CA ALA B 174 25.41 18.03 -0.73
C ALA B 174 26.21 19.28 -1.09
N ASP B 175 25.56 20.33 -1.57
CA ASP B 175 26.30 21.50 -2.05
C ASP B 175 27.09 22.15 -0.92
N GLY B 176 26.55 22.24 0.29
CA GLY B 176 27.28 22.85 1.39
C GLY B 176 28.06 21.91 2.26
N ASP B 177 28.39 20.71 1.80
CA ASP B 177 29.16 19.76 2.60
C ASP B 177 30.59 20.21 2.79
N THR B 178 31.03 20.42 4.02
CA THR B 178 32.41 20.85 4.25
C THR B 178 33.22 19.71 4.85
N VAL B 179 32.58 18.58 5.15
CA VAL B 179 33.25 17.43 5.73
C VAL B 179 33.76 16.49 4.64
N ALA B 180 32.93 16.27 3.61
CA ALA B 180 33.30 15.47 2.46
C ALA B 180 32.89 16.24 1.21
N PRO B 181 33.55 17.36 0.93
CA PRO B 181 33.19 18.21 -0.19
C PRO B 181 32.99 17.42 -1.46
N VAL B 182 31.98 17.80 -2.25
CA VAL B 182 31.70 17.07 -3.49
C VAL B 182 32.83 17.22 -4.50
N ALA B 183 33.58 18.33 -4.45
CA ALA B 183 34.67 18.53 -5.39
C ALA B 183 35.78 17.51 -5.21
N THR B 184 36.02 17.02 -3.99
CA THR B 184 37.11 16.07 -3.80
C THR B 184 36.65 14.67 -3.44
N HIS B 185 35.33 14.50 -3.21
CA HIS B 185 34.87 13.15 -2.86
C HIS B 185 33.80 12.69 -3.85
N SER B 186 32.54 13.07 -3.68
CA SER B 186 31.47 12.59 -4.56
C SER B 186 31.72 12.75 -6.05
N LYS B 187 32.07 13.97 -6.53
CA LYS B 187 32.23 14.13 -7.98
C LYS B 187 33.31 13.27 -8.59
N PRO B 188 34.51 13.21 -8.02
CA PRO B 188 35.56 12.31 -8.47
C PRO B 188 35.10 10.86 -8.44
N PHE B 189 34.36 10.43 -7.41
CA PHE B 189 33.88 9.06 -7.40
C PHE B 189 33.01 8.83 -8.64
N TYR B 190 32.03 9.72 -8.84
CA TYR B 190 31.09 9.56 -9.94
C TYR B 190 31.78 9.58 -11.30
N GLU B 191 32.66 10.56 -11.53
CA GLU B 191 33.32 10.68 -12.83
C GLU B 191 34.26 9.53 -13.13
N SER B 192 34.75 8.81 -12.14
CA SER B 192 35.65 7.69 -12.34
C SER B 192 34.91 6.38 -12.65
N LEU B 193 33.61 6.33 -12.40
CA LEU B 193 32.86 5.10 -12.73
C LEU B 193 32.79 4.96 -14.24
N PRO B 194 32.74 3.73 -14.73
CA PRO B 194 32.74 3.50 -16.17
C PRO B 194 31.58 4.19 -16.87
N GLY B 195 31.79 4.59 -18.12
CA GLY B 195 30.79 5.21 -18.98
C GLY B 195 29.73 4.21 -19.41
N SER B 196 30.01 2.91 -19.32
CA SER B 196 29.06 1.86 -19.68
C SER B 196 28.22 1.42 -18.48
N LEU B 197 28.43 2.03 -17.32
CA LEU B 197 27.67 1.66 -16.12
C LEU B 197 26.42 2.53 -15.99
N ASP B 198 25.32 1.97 -15.51
CA ASP B 198 24.16 2.80 -15.17
C ASP B 198 24.51 3.58 -13.90
N LYS B 199 24.68 4.90 -13.98
CA LYS B 199 25.14 5.63 -12.79
C LYS B 199 24.51 6.99 -12.76
N ALA B 200 24.47 7.65 -11.60
CA ALA B 200 23.94 8.98 -11.49
C ALA B 200 24.62 9.76 -10.36
N TYR B 201 24.58 11.07 -10.51
CA TYR B 201 25.12 11.98 -9.50
C TYR B 201 24.02 12.97 -9.13
N LEU B 202 23.64 13.01 -7.87
CA LEU B 202 22.56 13.86 -7.39
C LEU B 202 23.13 14.81 -6.34
N GLU B 203 23.19 16.10 -6.63
CA GLU B 203 23.75 17.04 -5.65
C GLU B 203 22.61 17.85 -5.02
N LEU B 204 22.39 17.68 -3.73
CA LEU B 204 21.29 18.35 -3.06
C LEU B 204 21.56 19.85 -2.88
N ARG B 205 20.52 20.66 -3.10
CA ARG B 205 20.60 22.09 -2.88
C ARG B 205 20.31 22.50 -1.45
N GLY B 206 21.09 23.44 -0.92
CA GLY B 206 20.92 23.94 0.43
C GLY B 206 21.02 22.80 1.45
N ALA B 207 22.09 22.01 1.34
CA ALA B 207 22.27 20.87 2.23
C ALA B 207 23.67 20.84 2.81
N SER B 208 23.83 20.06 3.86
CA SER B 208 25.11 19.90 4.53
C SER B 208 25.50 18.44 4.61
N HIS B 209 26.64 18.13 5.22
CA HIS B 209 27.01 16.74 5.46
C HIS B 209 25.97 15.99 6.27
N PHE B 210 25.21 16.61 7.17
CA PHE B 210 24.29 15.94 8.08
C PHE B 210 22.84 15.91 7.62
N THR B 211 22.62 16.43 6.42
CA THR B 211 21.30 16.35 5.77
C THR B 211 20.77 14.93 5.65
N PRO B 212 21.59 13.93 5.31
CA PRO B 212 21.14 12.55 5.21
C PRO B 212 20.80 11.90 6.53
N ASN B 213 21.09 12.53 7.68
CA ASN B 213 20.77 11.89 8.95
C ASN B 213 19.37 12.21 9.44
N THR B 214 18.57 13.00 8.74
CA THR B 214 17.16 13.18 9.14
C THR B 214 16.31 13.01 7.88
N SER B 215 15.02 12.72 8.03
CA SER B 215 14.16 12.47 6.89
C SER B 215 14.32 13.55 5.85
N ASP B 216 14.56 13.14 4.60
CA ASP B 216 14.68 14.09 3.50
C ASP B 216 13.93 13.50 2.31
N THR B 217 12.96 14.23 1.77
CA THR B 217 12.16 13.70 0.68
C THR B 217 12.96 13.47 -0.58
N THR B 218 13.90 14.34 -0.93
CA THR B 218 14.67 14.14 -2.15
C THR B 218 15.53 12.88 -2.08
N ILE B 219 16.26 12.73 -0.97
CA ILE B 219 17.05 11.51 -0.76
C ILE B 219 16.17 10.27 -0.84
N ALA B 220 15.04 10.28 -0.13
CA ALA B 220 14.12 9.15 -0.14
C ALA B 220 13.59 8.80 -1.53
N LYS B 221 13.08 9.79 -2.27
CA LYS B 221 12.45 9.46 -3.55
C LYS B 221 13.46 8.97 -4.59
N TYR B 222 14.68 9.52 -4.64
CA TYR B 222 15.64 8.97 -5.61
C TYR B 222 16.22 7.64 -5.10
N SER B 223 16.35 7.45 -3.79
CA SER B 223 16.85 6.15 -3.29
C SER B 223 15.84 5.05 -3.58
N ILE B 224 14.56 5.32 -3.30
CA ILE B 224 13.53 4.32 -3.60
C ILE B 224 13.52 4.02 -5.11
N SER B 225 13.58 5.05 -5.96
CA SER B 225 13.56 4.82 -7.40
C SER B 225 14.76 4.03 -7.89
N TRP B 226 15.95 4.35 -7.37
CA TRP B 226 17.15 3.59 -7.73
C TRP B 226 17.08 2.13 -7.29
N LEU B 227 16.67 1.87 -6.06
CA LEU B 227 16.58 0.50 -5.54
C LEU B 227 15.52 -0.31 -6.31
N LYS B 228 14.37 0.31 -6.55
CA LYS B 228 13.35 -0.39 -7.36
C LYS B 228 13.91 -0.73 -8.74
N ARG B 229 14.47 0.26 -9.41
CA ARG B 229 14.97 0.09 -10.79
C ARG B 229 16.06 -0.96 -10.91
N PHE B 230 16.96 -1.08 -9.94
CA PHE B 230 18.10 -1.98 -10.10
C PHE B 230 18.06 -3.20 -9.21
N ILE B 231 17.53 -3.13 -7.98
CA ILE B 231 17.39 -4.35 -7.20
C ILE B 231 16.24 -5.21 -7.75
N ASP B 232 15.12 -4.58 -8.11
CA ASP B 232 13.97 -5.36 -8.62
C ASP B 232 13.93 -5.39 -10.13
N SER B 233 14.84 -4.67 -10.81
CA SER B 233 14.79 -4.51 -12.27
C SER B 233 13.44 -3.95 -12.68
N ASP B 234 12.90 -3.04 -11.88
CA ASP B 234 11.53 -2.54 -12.08
C ASP B 234 11.57 -1.31 -12.96
N THR B 235 11.29 -1.53 -14.26
CA THR B 235 11.33 -0.43 -15.23
C THR B 235 10.16 0.52 -15.14
N ARG B 236 9.19 0.26 -14.24
CA ARG B 236 8.17 1.27 -13.97
C ARG B 236 8.75 2.46 -13.24
N TYR B 237 9.91 2.32 -12.57
CA TYR B 237 10.52 3.45 -11.87
C TYR B 237 11.55 4.16 -12.73
N GLU B 238 11.76 3.71 -13.98
CA GLU B 238 12.70 4.39 -14.88
C GLU B 238 12.27 5.81 -15.17
N GLN B 239 10.95 6.06 -15.18
CA GLN B 239 10.42 7.40 -15.44
C GLN B 239 10.87 8.45 -14.45
N PHE B 240 11.20 8.14 -13.19
CA PHE B 240 11.64 9.15 -12.25
C PHE B 240 13.12 9.48 -12.38
N LEU B 241 13.86 8.62 -13.05
CA LEU B 241 15.31 8.77 -13.22
C LEU B 241 15.71 9.27 -14.59
N CYS B 242 14.95 8.93 -15.63
CA CYS B 242 15.26 9.33 -17.00
C CYS B 242 14.01 9.84 -17.71
N PRO B 243 14.14 10.90 -18.49
CA PRO B 243 15.36 11.65 -18.63
C PRO B 243 15.79 12.32 -17.35
N ILE B 244 17.06 12.70 -17.22
CA ILE B 244 17.53 13.20 -15.94
C ILE B 244 16.79 14.46 -15.50
N PRO B 245 16.55 14.55 -14.19
CA PRO B 245 15.91 15.68 -13.56
C PRO B 245 16.68 16.97 -13.74
N ARG B 246 16.07 18.12 -13.98
CA ARG B 246 16.92 19.33 -14.12
C ARG B 246 16.92 20.06 -12.79
N PRO B 247 17.88 20.95 -12.61
CA PRO B 247 18.03 21.69 -11.36
C PRO B 247 16.70 22.26 -10.90
N SER B 248 16.51 22.34 -9.59
CA SER B 248 15.24 22.76 -9.02
C SER B 248 15.49 23.35 -7.64
N LEU B 249 14.47 23.54 -6.81
CA LEU B 249 14.71 24.07 -5.47
C LEU B 249 15.45 23.07 -4.59
N THR B 250 15.24 21.77 -4.84
CA THR B 250 15.89 20.77 -3.99
C THR B 250 17.12 20.16 -4.63
N ILE B 251 17.23 20.22 -5.95
CA ILE B 251 18.34 19.63 -6.68
C ILE B 251 19.26 20.71 -7.26
N ALA B 252 20.50 20.75 -6.80
CA ALA B 252 21.45 21.75 -7.33
C ALA B 252 22.01 21.28 -8.67
N GLU B 253 22.24 19.97 -8.80
CA GLU B 253 22.81 19.43 -10.01
C GLU B 253 22.49 17.96 -10.15
N TYR B 254 22.31 17.45 -11.37
CA TYR B 254 22.08 16.02 -11.56
C TYR B 254 22.78 15.57 -12.84
N ARG B 255 23.60 14.54 -12.76
CA ARG B 255 24.26 13.98 -13.95
C ARG B 255 23.86 12.51 -14.10
N GLY B 256 23.84 11.94 -15.31
CA GLY B 256 23.48 10.52 -15.40
C GLY B 256 23.85 9.96 -16.77
N THR B 257 23.47 8.70 -16.96
CA THR B 257 23.82 7.94 -18.14
C THR B 257 22.54 7.35 -18.76
N CYS B 258 21.42 8.03 -18.59
CA CYS B 258 20.18 7.65 -19.28
C CYS B 258 20.40 7.53 -20.78
N PRO B 259 19.69 6.65 -21.45
CA PRO B 259 18.78 5.69 -20.85
C PRO B 259 19.46 4.54 -20.14
N HIS B 260 18.85 3.96 -19.09
CA HIS B 260 19.51 2.84 -18.41
C HIS B 260 19.42 1.55 -19.20
N THR B 261 20.46 0.72 -19.08
CA THR B 261 20.50 -0.49 -19.90
C THR B 261 20.38 -1.82 -19.02
N SER B 262 20.69 -1.83 -17.67
CA SER B 262 20.48 -3.09 -16.82
C SER B 262 19.29 -3.40 -16.98
#